data_7Q81
#
_entry.id   7Q81
#
_cell.length_a   71.085
_cell.length_b   71.085
_cell.length_c   83.561
_cell.angle_alpha   90.00
_cell.angle_beta   90.00
_cell.angle_gamma   90.00
#
_symmetry.space_group_name_H-M   'P 41 21 2'
#
loop_
_entity.id
_entity.type
_entity.pdbx_description
1 polymer RNA1
2 polymer 'RNA 2'
3 polymer 'RNA 3'
4 non-polymer 'MAGNESIUM ION'
5 non-polymer GUANINE
6 water water
#
loop_
_entity_poly.entity_id
_entity_poly.type
_entity_poly.pdbx_seq_one_letter_code
_entity_poly.pdbx_strand_id
1 'polyribonucleotide' CCACUG(1MA)GAGU(UMS)UC A
2 'polyribonucleotide' GGAAGCUCUGACCGACCCCCAGCC B
3 'polyribonucleotide' GCUGGGACAACUAGACAUACAGUG C
#
loop_
_chem_comp.id
_chem_comp.type
_chem_comp.name
_chem_comp.formula
1MA RNA linking 6-HYDRO-1-METHYLADENOSINE-5'-MONOPHOSPHATE 'C11 H16 N5 O7 P'
A RNA linking ADENOSINE-5'-MONOPHOSPHATE 'C10 H14 N5 O7 P'
C RNA linking CYTIDINE-5'-MONOPHOSPHATE 'C9 H14 N3 O8 P'
G RNA linking GUANOSINE-5'-MONOPHOSPHATE 'C10 H14 N5 O8 P'
GUN non-polymer GUANINE 'C5 H5 N5 O'
MG non-polymer 'MAGNESIUM ION' 'Mg 2'
U RNA linking URIDINE-5'-MONOPHOSPHATE 'C9 H13 N2 O9 P'
UMS DNA linking 2'-METHYLSELENYL-2'-DEOXYURIDINE-5'-PHOSPHATE 'C10 H15 N2 O8 P Se'
#
# COMPACT_ATOMS: atom_id res chain seq x y z
P 1MA A 7 -6.81 2.31 -6.87
OP1 1MA A 7 -5.81 3.45 -7.00
OP2 1MA A 7 -6.77 1.16 -7.85
O5' 1MA A 7 -6.68 1.72 -5.39
C5' 1MA A 7 -6.93 2.52 -4.25
C4' 1MA A 7 -6.21 2.02 -3.04
O4' 1MA A 7 -6.78 0.74 -2.62
C3' 1MA A 7 -4.70 1.77 -3.23
O3' 1MA A 7 -4.01 2.12 -2.03
C2' 1MA A 7 -4.64 0.25 -3.41
O2' 1MA A 7 -3.40 -0.33 -3.08
C1' 1MA A 7 -5.75 -0.21 -2.48
N9 1MA A 7 -6.29 -1.53 -2.82
C8 1MA A 7 -6.20 -2.20 -4.01
N7 1MA A 7 -6.80 -3.37 -3.96
C5 1MA A 7 -7.29 -3.46 -2.68
C6 1MA A 7 -8.03 -4.52 -2.06
N6 1MA A 7 -8.36 -5.61 -2.66
N1 1MA A 7 -8.34 -4.20 -0.73
CM1 1MA A 7 -9.10 -5.17 0.05
C2 1MA A 7 -7.98 -3.04 -0.13
N3 1MA A 7 -7.31 -2.08 -0.68
C4 1MA A 7 -6.99 -2.34 -1.97
P UMS A 12 13.64 11.23 6.63
OP1 UMS A 12 14.67 10.22 7.11
OP2 UMS A 12 14.01 12.65 6.86
O5' UMS A 12 13.42 11.04 5.06
C5' UMS A 12 14.49 11.48 4.20
C4' UMS A 12 15.45 10.34 3.98
O4' UMS A 12 14.75 9.10 4.15
C3' UMS A 12 16.08 10.31 2.58
O3' UMS A 12 17.25 11.11 2.59
C2' UMS A 12 16.42 8.82 2.56
SE2' UMS A 12 18.00 8.45 3.68
C1' UMS A 12 15.19 8.19 3.17
CA' UMS A 12 17.97 6.50 3.73
N1 UMS A 12 14.05 7.88 2.28
C2 UMS A 12 14.20 6.90 1.33
O2 UMS A 12 15.24 6.28 1.17
N3 UMS A 12 13.10 6.67 0.55
C4 UMS A 12 11.87 7.30 0.63
O4 UMS A 12 10.96 6.98 -0.15
C5 UMS A 12 11.79 8.31 1.66
C6 UMS A 12 12.86 8.56 2.44
MG MG D . -5.84 -12.02 6.90
MG MG E . 1.56 -7.53 5.90
N9 GUN F . -10.97 -9.66 -2.46
C8 GUN F . -10.11 -8.63 -2.53
N7 GUN F . -9.98 -8.10 -1.30
C5 GUN F . -10.74 -8.80 -0.47
C6 GUN F . -10.99 -8.69 1.03
O6 GUN F . -10.45 -7.85 1.66
N1 GUN F . -11.89 -9.61 1.68
C2 GUN F . -12.55 -10.62 0.91
N2 GUN F . -13.46 -11.55 1.56
N3 GUN F . -12.30 -10.73 -0.52
C4 GUN F . -11.37 -9.78 -1.19
MG MG G . -0.88 -16.81 -2.27
MG MG H . -24.50 -2.51 -7.40
MG MG I . 0.23 -25.37 5.19
#